data_8IN6
#
_entry.id   8IN6
#
_cell.length_a   42.463
_cell.length_b   65.356
_cell.length_c   67.173
_cell.angle_alpha   90.000
_cell.angle_beta   90.000
_cell.angle_gamma   90.000
#
_symmetry.space_group_name_H-M   'P 21 21 21'
#
loop_
_entity.id
_entity.type
_entity.pdbx_description
1 polymer '25 kDa polyphenol-binding protein'
2 non-polymer BETA-1,2,3,4,6-PENTA-O-GALLOYL-D-GLUCOPYRANOSE
3 water water
#
_entity_poly.entity_id   1
_entity_poly.type   'polypeptide(L)'
_entity_poly.pdbx_seq_one_letter_code
;MVTKVLLVSLALFALGTCQVAVNLCTQYGWPNGNYPDPYDCRKYISCNGAVATVMSCALGTVFNPNTRNCDAYGNVPICQ
YALPSPIVVTNICNQYGWGNGNFYHPYNCAEYIGCANGLTTVNACGAGQYYDQALGRCALAGTGYCRQYVFTPPPAPVVY
PDGFDTYCSANNLATGIHPDPYSCFSYVECTFGRTTHMPCPAGLSFDRSLLVCDGNRYQNCGGNVLVGK
;
_entity_poly.pdbx_strand_id   A
#
# COMPACT_ATOMS: atom_id res chain seq x y z
N ASN A 23 -9.48 19.52 10.63
CA ASN A 23 -8.71 18.30 10.83
C ASN A 23 -8.33 17.67 9.46
N LEU A 24 -7.26 16.85 9.45
CA LEU A 24 -6.76 16.31 8.20
C LEU A 24 -7.78 15.42 7.50
N CYS A 25 -8.62 14.72 8.28
CA CYS A 25 -9.54 13.76 7.68
C CYS A 25 -10.46 14.47 6.70
N THR A 26 -11.05 15.57 7.12
CA THR A 26 -11.95 16.23 6.19
C THR A 26 -11.18 17.03 5.13
N GLN A 27 -10.00 17.56 5.46
CA GLN A 27 -9.21 18.27 4.45
C GLN A 27 -8.96 17.41 3.21
N TYR A 28 -8.58 16.15 3.42
CA TYR A 28 -8.30 15.25 2.31
C TYR A 28 -9.55 14.61 1.72
N GLY A 29 -10.69 14.78 2.38
CA GLY A 29 -11.85 13.99 1.99
C GLY A 29 -11.69 12.52 2.29
N TRP A 30 -11.12 12.18 3.46
CA TRP A 30 -10.85 10.80 3.85
C TRP A 30 -12.08 10.19 4.53
N PRO A 31 -12.40 8.93 4.20
CA PRO A 31 -13.32 8.16 5.04
C PRO A 31 -12.75 7.98 6.44
N ASN A 32 -13.61 7.61 7.37
CA ASN A 32 -13.14 7.21 8.68
C ASN A 32 -12.26 5.97 8.54
N GLY A 33 -11.36 5.77 9.49
CA GLY A 33 -10.36 4.74 9.36
C GLY A 33 -9.02 5.25 9.82
N ASN A 34 -7.98 4.44 9.63
CA ASN A 34 -6.64 4.79 10.09
C ASN A 34 -5.77 5.14 8.90
N TYR A 35 -4.85 6.05 9.15
CA TYR A 35 -4.01 6.68 8.15
C TYR A 35 -2.63 6.89 8.76
N PRO A 36 -1.58 6.91 7.95
CA PRO A 36 -0.23 7.06 8.52
C PRO A 36 -0.04 8.43 9.15
N ASP A 37 0.73 8.43 10.24
CA ASP A 37 1.34 9.66 10.74
C ASP A 37 2.61 9.97 9.94
N PRO A 38 2.69 11.11 9.24
CA PRO A 38 3.83 11.35 8.34
C PRO A 38 5.15 11.56 9.05
N TYR A 39 5.13 11.78 10.37
CA TYR A 39 6.33 12.14 11.12
C TYR A 39 6.83 11.02 12.02
N ASP A 40 5.95 10.19 12.57
CA ASP A 40 6.35 9.16 13.53
C ASP A 40 5.60 7.88 13.18
N CYS A 41 6.32 6.87 12.69
CA CYS A 41 5.66 5.63 12.29
C CYS A 41 5.30 4.75 13.48
N ARG A 42 5.61 5.18 14.70
CA ARG A 42 5.06 4.57 15.89
C ARG A 42 3.67 5.10 16.23
N LYS A 43 3.27 6.21 15.61
CA LYS A 43 1.91 6.72 15.76
C LYS A 43 1.14 6.59 14.44
N TYR A 44 -0.13 6.95 14.49
CA TYR A 44 -0.97 6.97 13.31
C TYR A 44 -2.12 7.93 13.55
N ILE A 45 -2.84 8.24 12.46
CA ILE A 45 -3.95 9.17 12.48
C ILE A 45 -5.23 8.37 12.42
N SER A 46 -6.06 8.49 13.45
CA SER A 46 -7.34 7.79 13.50
C SER A 46 -8.40 8.79 13.08
N CYS A 47 -9.07 8.52 11.96
CA CYS A 47 -10.19 9.34 11.54
C CYS A 47 -11.44 8.71 12.12
N ASN A 48 -12.00 9.35 13.16
CA ASN A 48 -13.20 8.87 13.84
C ASN A 48 -14.21 10.01 13.87
N GLY A 49 -15.45 9.71 13.51
CA GLY A 49 -16.44 10.78 13.48
C GLY A 49 -15.99 11.96 12.64
N ALA A 50 -15.27 11.69 11.54
CA ALA A 50 -14.76 12.69 10.62
C ALA A 50 -13.76 13.67 11.28
N VAL A 51 -13.10 13.27 12.38
CA VAL A 51 -12.13 14.12 13.08
C VAL A 51 -10.84 13.32 13.27
N ALA A 52 -9.70 13.99 13.06
CA ALA A 52 -8.38 13.34 13.20
C ALA A 52 -7.90 13.32 14.66
N THR A 53 -7.53 12.14 15.13
CA THR A 53 -6.89 11.94 16.43
C THR A 53 -5.54 11.26 16.17
N VAL A 54 -4.45 11.84 16.68
CA VAL A 54 -3.16 11.15 16.65
C VAL A 54 -3.15 10.12 17.76
N MET A 55 -2.88 8.86 17.40
CA MET A 55 -2.86 7.76 18.33
C MET A 55 -1.49 7.10 18.30
N SER A 56 -1.15 6.40 19.38
CA SER A 56 0.12 5.69 19.50
C SER A 56 -0.13 4.20 19.33
N CYS A 57 0.75 3.53 18.59
CA CYS A 57 0.77 2.08 18.62
C CYS A 57 1.35 1.61 19.95
N ALA A 58 0.88 0.46 20.44
CA ALA A 58 1.45 -0.16 21.63
C ALA A 58 2.95 -0.38 21.44
N LEU A 59 3.70 -0.36 22.56
CA LEU A 59 5.12 -0.69 22.48
C LEU A 59 5.30 -2.05 21.81
N GLY A 60 6.37 -2.18 21.02
CA GLY A 60 6.58 -3.37 20.23
C GLY A 60 5.79 -3.46 18.94
N THR A 61 4.89 -2.52 18.67
CA THR A 61 4.19 -2.46 17.40
C THR A 61 4.40 -1.09 16.77
N VAL A 62 4.30 -1.05 15.44
CA VAL A 62 4.35 0.19 14.68
C VAL A 62 3.19 0.20 13.69
N PHE A 63 2.91 1.37 13.15
CA PHE A 63 1.82 1.47 12.18
C PHE A 63 2.24 0.82 10.88
N ASN A 64 1.46 -0.18 10.45
CA ASN A 64 1.75 -0.88 9.21
C ASN A 64 0.90 -0.23 8.12
N PRO A 65 1.51 0.45 7.15
CA PRO A 65 0.71 1.20 6.17
C PRO A 65 -0.16 0.31 5.32
N ASN A 66 0.20 -0.95 5.16
CA ASN A 66 -0.52 -1.86 4.29
C ASN A 66 -1.66 -2.58 4.99
N THR A 67 -1.60 -2.72 6.31
CA THR A 67 -2.76 -3.23 7.03
C THR A 67 -3.63 -2.14 7.63
N ARG A 68 -3.16 -0.90 7.58
CA ARG A 68 -3.84 0.25 8.21
C ARG A 68 -4.05 0.00 9.70
N ASN A 69 -3.13 -0.72 10.33
CA ASN A 69 -3.24 -1.00 11.76
C ASN A 69 -1.85 -1.16 12.33
N CYS A 70 -1.76 -1.00 13.65
CA CYS A 70 -0.52 -1.28 14.34
C CYS A 70 -0.16 -2.76 14.19
N ASP A 71 1.14 -3.05 14.09
CA ASP A 71 1.56 -4.40 13.80
C ASP A 71 2.94 -4.62 14.42
N ALA A 72 3.28 -5.88 14.65
CA ALA A 72 4.57 -6.23 15.24
C ALA A 72 5.68 -5.59 14.42
N TYR A 73 6.61 -4.91 15.09
CA TYR A 73 7.53 -4.06 14.36
C TYR A 73 8.34 -4.86 13.34
N GLY A 74 8.54 -6.16 13.59
CA GLY A 74 9.29 -6.98 12.65
C GLY A 74 8.64 -7.09 11.28
N ASN A 75 7.32 -6.87 11.22
CA ASN A 75 6.58 -6.85 9.97
C ASN A 75 6.71 -5.53 9.22
N VAL A 76 7.32 -4.51 9.81
CA VAL A 76 7.35 -3.20 9.19
C VAL A 76 8.79 -2.70 9.21
N PRO A 77 9.65 -3.23 8.34
CA PRO A 77 11.08 -2.85 8.41
C PRO A 77 11.33 -1.41 8.05
N ILE A 78 10.41 -0.74 7.35
CA ILE A 78 10.62 0.65 6.99
C ILE A 78 10.36 1.54 8.18
N CYS A 79 9.95 0.97 9.30
CA CYS A 79 9.81 1.72 10.55
C CYS A 79 10.90 1.27 11.51
N GLN A 80 11.91 2.11 11.70
CA GLN A 80 13.02 1.78 12.60
C GLN A 80 12.74 2.49 13.91
N TYR A 81 11.94 1.81 14.73
CA TYR A 81 11.36 2.40 15.93
C TYR A 81 12.40 2.78 16.97
N ALA A 82 13.65 2.31 16.82
CA ALA A 82 14.74 2.70 17.71
C ALA A 82 15.49 3.93 17.24
N LEU A 83 15.19 4.46 16.02
CA LEU A 83 15.88 5.67 15.58
C LEU A 83 15.05 6.90 15.91
N PRO A 84 15.71 8.03 16.26
CA PRO A 84 14.95 9.26 16.55
C PRO A 84 13.94 9.62 15.47
N SER A 85 14.35 9.55 14.20
CA SER A 85 13.43 9.66 13.08
C SER A 85 13.18 8.25 12.57
N PRO A 86 12.07 7.61 12.95
CA PRO A 86 11.91 6.17 12.69
C PRO A 86 11.49 5.79 11.26
N ILE A 87 10.87 6.69 10.50
CA ILE A 87 10.51 6.35 9.12
C ILE A 87 11.78 6.29 8.28
N VAL A 88 12.11 5.09 7.79
CA VAL A 88 13.29 4.84 6.98
C VAL A 88 12.88 4.11 5.71
N VAL A 89 12.38 4.86 4.73
CA VAL A 89 12.00 4.32 3.43
C VAL A 89 13.20 4.44 2.49
N THR A 90 14.34 4.76 3.08
CA THR A 90 15.55 5.12 2.35
C THR A 90 16.10 3.99 1.49
N ASN A 91 15.69 2.74 1.74
CA ASN A 91 16.16 1.61 0.95
C ASN A 91 14.99 0.75 0.48
N ILE A 92 13.82 1.38 0.28
CA ILE A 92 12.58 0.61 0.15
C ILE A 92 12.52 -0.13 -1.19
N CYS A 93 13.01 0.48 -2.27
CA CYS A 93 12.99 -0.21 -3.56
C CYS A 93 13.79 -1.50 -3.49
N ASN A 94 14.87 -1.52 -2.71
CA ASN A 94 15.68 -2.72 -2.59
C ASN A 94 15.17 -3.62 -1.45
N GLN A 95 14.69 -3.01 -0.36
CA GLN A 95 14.18 -3.78 0.77
C GLN A 95 12.94 -4.58 0.39
N TYR A 96 12.10 -4.02 -0.48
CA TYR A 96 10.87 -4.65 -0.90
C TYR A 96 10.88 -5.11 -2.35
N GLY A 97 11.90 -4.76 -3.12
CA GLY A 97 12.01 -5.18 -4.50
C GLY A 97 11.01 -4.50 -5.42
N TRP A 98 10.89 -3.18 -5.31
CA TRP A 98 9.99 -2.43 -6.16
C TRP A 98 10.67 -2.18 -7.50
N GLY A 99 9.92 -2.31 -8.60
CA GLY A 99 10.43 -1.97 -9.91
C GLY A 99 10.67 -0.47 -10.08
N ASN A 100 11.20 -0.10 -11.25
CA ASN A 100 11.43 1.30 -11.58
C ASN A 100 10.13 2.08 -11.71
N GLY A 101 10.20 3.37 -11.38
CA GLY A 101 9.10 4.31 -11.51
C GLY A 101 8.90 5.12 -10.24
N ASN A 102 7.83 5.94 -10.26
CA ASN A 102 7.41 6.71 -9.09
C ASN A 102 6.29 6.00 -8.30
N PHE A 103 6.41 6.05 -6.97
CA PHE A 103 5.44 5.42 -6.07
C PHE A 103 5.10 6.37 -4.91
N TYR A 104 3.87 6.21 -4.40
CA TYR A 104 3.47 6.96 -3.22
C TYR A 104 4.43 6.69 -2.06
N HIS A 105 4.59 7.69 -1.16
CA HIS A 105 5.34 7.50 0.07
C HIS A 105 4.44 6.83 1.11
N PRO A 106 4.87 5.72 1.72
CA PRO A 106 3.94 4.96 2.56
C PRO A 106 3.40 5.71 3.76
N TYR A 107 4.09 6.74 4.22
CA TYR A 107 3.68 7.49 5.41
C TYR A 107 3.29 8.93 5.13
N ASN A 108 3.69 9.51 3.99
CA ASN A 108 3.58 10.95 3.81
C ASN A 108 2.97 11.27 2.45
N CYS A 109 1.79 11.91 2.48
CA CYS A 109 1.08 12.20 1.25
C CYS A 109 1.77 13.26 0.41
N ALA A 110 2.64 14.09 1.01
CA ALA A 110 3.32 15.14 0.29
C ALA A 110 4.71 14.72 -0.17
N GLU A 111 5.06 13.44 -0.02
CA GLU A 111 6.29 12.89 -0.55
C GLU A 111 5.97 11.75 -1.49
N TYR A 112 6.98 11.29 -2.20
CA TYR A 112 6.85 10.11 -3.05
C TYR A 112 8.22 9.48 -3.18
N ILE A 113 8.28 8.35 -3.88
CA ILE A 113 9.48 7.53 -3.98
C ILE A 113 9.80 7.36 -5.46
N GLY A 114 11.07 7.53 -5.80
CA GLY A 114 11.57 7.20 -7.13
C GLY A 114 12.45 5.97 -7.04
N CYS A 115 12.13 4.96 -7.85
CA CYS A 115 12.87 3.71 -7.86
C CYS A 115 13.55 3.53 -9.20
N ALA A 116 14.87 3.30 -9.18
CA ALA A 116 15.64 3.01 -10.39
C ALA A 116 16.64 1.92 -10.06
N ASN A 117 16.44 0.73 -10.64
CA ASN A 117 17.43 -0.34 -10.55
C ASN A 117 17.75 -0.70 -9.10
N GLY A 118 16.73 -0.64 -8.24
CA GLY A 118 16.89 -0.88 -6.82
C GLY A 118 17.30 0.31 -6.00
N LEU A 119 17.69 1.43 -6.64
CA LEU A 119 18.11 2.65 -5.93
C LEU A 119 16.90 3.52 -5.60
N THR A 120 16.79 3.92 -4.33
CA THR A 120 15.66 4.70 -3.87
C THR A 120 15.98 6.20 -3.91
N THR A 121 15.02 6.98 -4.39
CA THR A 121 15.03 8.44 -4.23
C THR A 121 13.77 8.85 -3.48
N VAL A 122 13.94 9.57 -2.38
CA VAL A 122 12.80 10.09 -1.61
C VAL A 122 12.57 11.53 -2.06
N ASN A 123 11.40 11.77 -2.65
CA ASN A 123 11.05 13.08 -3.21
C ASN A 123 9.95 13.74 -2.38
N ALA A 124 9.83 15.05 -2.53
CA ALA A 124 8.76 15.80 -1.88
C ALA A 124 8.14 16.76 -2.87
N CYS A 125 6.81 16.87 -2.80
CA CYS A 125 6.06 17.82 -3.59
C CYS A 125 6.29 19.22 -3.07
N GLY A 126 6.08 20.21 -3.93
CA GLY A 126 6.11 21.60 -3.49
C GLY A 126 5.02 21.89 -2.46
N ALA A 127 5.13 23.08 -1.88
CA ALA A 127 4.20 23.48 -0.81
C ALA A 127 2.81 23.59 -1.36
N GLY A 128 1.82 23.15 -0.57
CA GLY A 128 0.46 23.13 -1.05
C GLY A 128 0.18 22.05 -2.08
N GLN A 129 1.16 21.19 -2.36
CA GLN A 129 1.03 20.15 -3.38
C GLN A 129 1.10 18.78 -2.71
N TYR A 130 0.34 17.82 -3.26
CA TYR A 130 0.29 16.46 -2.73
C TYR A 130 0.48 15.45 -3.85
N TYR A 131 1.12 14.32 -3.52
CA TYR A 131 1.36 13.28 -4.50
C TYR A 131 0.04 12.61 -4.90
N ASP A 132 -0.22 12.58 -6.19
CA ASP A 132 -1.35 11.85 -6.76
C ASP A 132 -0.81 10.60 -7.43
N GLN A 133 -1.02 9.45 -6.82
CA GLN A 133 -0.38 8.23 -7.30
C GLN A 133 -0.91 7.84 -8.67
N ALA A 134 -2.21 8.00 -8.89
CA ALA A 134 -2.79 7.63 -10.17
C ALA A 134 -2.21 8.50 -11.28
N LEU A 135 -2.14 9.81 -11.07
CA LEU A 135 -1.47 10.71 -12.00
C LEU A 135 0.03 10.50 -12.06
N GLY A 136 0.64 9.96 -11.01
CA GLY A 136 2.08 9.83 -11.00
C GLY A 136 2.85 11.10 -10.74
N ARG A 137 2.21 12.16 -10.24
CA ARG A 137 2.92 13.40 -10.00
C ARG A 137 2.28 14.17 -8.84
N CYS A 138 3.01 15.18 -8.35
CA CYS A 138 2.46 16.12 -7.39
C CYS A 138 1.38 16.98 -8.06
N ALA A 139 0.39 17.38 -7.26
CA ALA A 139 -0.70 18.18 -7.80
C ALA A 139 -1.28 19.02 -6.67
N LEU A 140 -1.85 20.16 -7.04
CA LEU A 140 -2.46 21.06 -6.06
C LEU A 140 -3.62 20.37 -5.35
N ALA A 141 -3.83 20.79 -4.10
CA ALA A 141 -4.94 20.29 -3.30
C ALA A 141 -6.25 20.51 -4.03
N GLY A 142 -7.08 19.48 -4.10
CA GLY A 142 -8.36 19.71 -4.74
C GLY A 142 -9.45 19.35 -3.78
N THR A 143 -10.39 18.53 -4.23
CA THR A 143 -11.49 18.09 -3.39
C THR A 143 -11.47 16.58 -3.36
N GLY A 144 -10.86 16.01 -2.33
CA GLY A 144 -10.70 14.57 -2.21
C GLY A 144 -9.38 14.12 -2.82
N TYR A 145 -8.34 13.99 -1.99
CA TYR A 145 -7.01 13.66 -2.48
C TYR A 145 -6.31 12.87 -1.38
N CYS A 146 -5.00 12.66 -1.55
CA CYS A 146 -4.27 11.67 -0.74
C CYS A 146 -4.98 10.31 -0.80
N ARG A 147 -5.46 9.97 -2.00
CA ARG A 147 -6.31 8.80 -2.19
C ARG A 147 -5.55 7.49 -2.05
N GLN A 148 -4.22 7.52 -2.21
CA GLN A 148 -3.40 6.32 -2.06
C GLN A 148 -3.46 5.72 -0.66
N TYR A 149 -4.00 6.44 0.33
CA TYR A 149 -4.16 5.91 1.69
C TYR A 149 -5.57 5.37 1.94
N VAL A 150 -6.44 5.39 0.94
CA VAL A 150 -7.83 4.98 1.04
C VAL A 150 -7.99 3.65 0.30
N PHE A 151 -8.16 2.55 1.05
CA PHE A 151 -8.21 1.22 0.47
C PHE A 151 -8.66 0.22 1.53
N THR A 152 -9.05 -0.96 1.09
CA THR A 152 -9.40 -2.02 2.02
C THR A 152 -8.31 -3.07 2.01
N PRO A 153 -7.61 -3.26 3.14
CA PRO A 153 -6.62 -4.34 3.23
C PRO A 153 -7.28 -5.69 3.06
N PRO A 154 -6.56 -6.68 2.54
CA PRO A 154 -7.05 -8.07 2.54
C PRO A 154 -7.19 -8.60 3.95
N PRO A 155 -7.92 -9.70 4.15
CA PRO A 155 -7.94 -10.37 5.46
C PRO A 155 -6.53 -10.65 5.97
N ALA A 156 -6.41 -10.71 7.29
CA ALA A 156 -5.15 -11.02 7.97
C ALA A 156 -5.36 -12.22 8.89
N PRO A 157 -4.93 -13.43 8.50
CA PRO A 157 -4.20 -13.73 7.26
C PRO A 157 -5.19 -13.99 6.13
N VAL A 158 -4.68 -14.14 4.90
CA VAL A 158 -5.51 -14.56 3.78
C VAL A 158 -5.59 -16.08 3.79
N VAL A 159 -6.80 -16.61 3.89
CA VAL A 159 -7.00 -18.05 3.94
C VAL A 159 -7.46 -18.52 2.57
N TYR A 160 -6.75 -19.49 2.01
CA TYR A 160 -7.10 -20.02 0.70
C TYR A 160 -7.90 -21.29 0.87
N PRO A 161 -8.94 -21.54 0.09
CA PRO A 161 -9.74 -22.74 0.31
C PRO A 161 -8.95 -23.96 -0.13
N ASP A 162 -9.21 -25.08 0.54
CA ASP A 162 -8.66 -26.36 0.08
C ASP A 162 -9.05 -26.56 -1.37
N GLY A 163 -8.10 -26.98 -2.18
CA GLY A 163 -8.29 -27.14 -3.59
C GLY A 163 -7.78 -25.98 -4.42
N PHE A 164 -7.43 -24.86 -3.79
CA PHE A 164 -6.93 -23.72 -4.56
C PHE A 164 -5.66 -24.07 -5.32
N ASP A 165 -4.98 -25.16 -4.93
CA ASP A 165 -3.80 -25.60 -5.67
C ASP A 165 -4.17 -26.00 -7.10
N THR A 166 -5.45 -26.25 -7.38
CA THR A 166 -5.91 -26.59 -8.72
C THR A 166 -6.64 -25.44 -9.42
N TYR A 167 -6.56 -24.23 -8.88
CA TYR A 167 -7.26 -23.07 -9.47
C TYR A 167 -6.98 -22.91 -10.96
N CYS A 168 -5.70 -22.92 -11.33
CA CYS A 168 -5.34 -22.71 -12.72
C CYS A 168 -5.93 -23.79 -13.61
N SER A 169 -5.84 -25.06 -13.19
CA SER A 169 -6.33 -26.19 -13.96
C SER A 169 -7.84 -26.17 -14.08
N ALA A 170 -8.53 -25.99 -12.94
CA ALA A 170 -9.98 -26.13 -12.95
C ALA A 170 -10.66 -25.02 -13.76
N ASN A 171 -10.05 -23.85 -13.83
CA ASN A 171 -10.63 -22.73 -14.55
C ASN A 171 -9.97 -22.53 -15.90
N ASN A 172 -9.11 -23.46 -16.31
CA ASN A 172 -8.45 -23.45 -17.61
C ASN A 172 -7.78 -22.10 -17.84
N LEU A 173 -7.05 -21.63 -16.83
CA LEU A 173 -6.37 -20.34 -16.95
C LEU A 173 -5.09 -20.50 -17.75
N ALA A 174 -4.77 -19.49 -18.55
CA ALA A 174 -3.59 -19.54 -19.40
C ALA A 174 -2.33 -19.39 -18.56
N THR A 175 -1.25 -20.00 -19.03
CA THR A 175 0.05 -19.82 -18.41
C THR A 175 0.36 -18.35 -18.25
N GLY A 176 0.76 -17.95 -17.06
CA GLY A 176 1.12 -16.57 -16.83
C GLY A 176 0.48 -16.08 -15.54
N ILE A 177 0.39 -14.77 -15.45
CA ILE A 177 -0.06 -14.05 -14.27
C ILE A 177 -1.56 -13.83 -14.36
N HIS A 178 -2.24 -13.95 -13.22
CA HIS A 178 -3.67 -13.72 -13.08
C HIS A 178 -3.93 -13.03 -11.76
N PRO A 179 -5.07 -12.36 -11.63
CA PRO A 179 -5.45 -11.83 -10.31
C PRO A 179 -5.61 -12.95 -9.28
N ASP A 180 -5.29 -12.62 -8.04
CA ASP A 180 -5.58 -13.49 -6.91
C ASP A 180 -6.95 -13.06 -6.41
N PRO A 181 -8.00 -13.86 -6.56
CA PRO A 181 -9.31 -13.39 -6.14
C PRO A 181 -9.49 -13.37 -4.63
N TYR A 182 -8.50 -13.80 -3.84
CA TYR A 182 -8.58 -13.72 -2.38
C TYR A 182 -7.83 -12.53 -1.78
N SER A 183 -6.98 -11.86 -2.53
CA SER A 183 -6.22 -10.76 -1.95
C SER A 183 -5.77 -9.80 -3.04
N CYS A 184 -6.06 -8.51 -2.85
CA CYS A 184 -5.61 -7.49 -3.79
C CYS A 184 -4.13 -7.20 -3.61
N PHE A 185 -3.50 -7.78 -2.59
CA PHE A 185 -2.07 -7.65 -2.37
C PHE A 185 -1.29 -8.75 -3.06
N SER A 186 -1.95 -9.61 -3.83
CA SER A 186 -1.35 -10.86 -4.28
C SER A 186 -1.70 -11.10 -5.74
N TYR A 187 -0.99 -12.03 -6.37
CA TYR A 187 -1.34 -12.50 -7.71
C TYR A 187 -1.18 -14.02 -7.82
N VAL A 188 -1.80 -14.57 -8.86
CA VAL A 188 -1.71 -15.99 -9.17
C VAL A 188 -0.79 -16.15 -10.38
N GLU A 189 0.05 -17.18 -10.33
CA GLU A 189 0.91 -17.57 -11.43
C GLU A 189 0.53 -18.99 -11.83
N CYS A 190 0.15 -19.17 -13.09
CA CYS A 190 -0.18 -20.48 -13.65
C CYS A 190 0.99 -20.96 -14.49
N THR A 191 1.51 -22.14 -14.18
CA THR A 191 2.78 -22.61 -14.73
C THR A 191 2.64 -24.12 -14.92
N PHE A 192 2.64 -24.58 -16.18
CA PHE A 192 2.31 -25.97 -16.54
C PHE A 192 1.12 -26.51 -15.77
N GLY A 193 0.04 -25.73 -15.78
CA GLY A 193 -1.19 -26.15 -15.14
C GLY A 193 -1.09 -26.20 -13.63
N ARG A 194 0.02 -25.71 -13.08
CA ARG A 194 0.19 -25.61 -11.64
C ARG A 194 -0.14 -24.19 -11.20
N THR A 195 -0.58 -24.06 -9.94
CA THR A 195 -1.04 -22.79 -9.39
C THR A 195 -0.13 -22.34 -8.25
N THR A 196 0.36 -21.13 -8.34
CA THR A 196 1.04 -20.50 -7.21
C THR A 196 0.38 -19.15 -6.98
N HIS A 197 0.34 -18.72 -5.74
CA HIS A 197 -0.01 -17.35 -5.45
C HIS A 197 1.14 -16.74 -4.69
N MET A 198 1.38 -15.46 -4.93
CA MET A 198 2.52 -14.78 -4.38
C MET A 198 2.14 -13.34 -4.05
N PRO A 199 2.59 -12.81 -2.92
CA PRO A 199 2.30 -11.42 -2.62
C PRO A 199 3.03 -10.51 -3.58
N CYS A 200 2.41 -9.39 -3.88
CA CYS A 200 3.13 -8.27 -4.47
C CYS A 200 4.20 -7.81 -3.49
N PRO A 201 5.24 -7.14 -3.97
CA PRO A 201 6.14 -6.43 -3.05
C PRO A 201 5.34 -5.61 -2.04
N ALA A 202 5.78 -5.62 -0.78
CA ALA A 202 5.00 -4.96 0.25
C ALA A 202 4.78 -3.50 -0.10
N GLY A 203 3.56 -3.02 0.12
CA GLY A 203 3.16 -1.71 -0.32
C GLY A 203 2.59 -1.66 -1.73
N LEU A 204 2.93 -2.62 -2.58
CA LEU A 204 2.35 -2.69 -3.92
C LEU A 204 1.12 -3.59 -3.87
N SER A 205 0.26 -3.43 -4.86
CA SER A 205 -0.96 -4.20 -4.91
C SER A 205 -1.18 -4.60 -6.36
N PHE A 206 -2.10 -5.55 -6.60
CA PHE A 206 -2.18 -6.11 -7.94
C PHE A 206 -3.16 -5.30 -8.78
N ASP A 207 -2.68 -4.84 -9.93
CA ASP A 207 -3.44 -4.04 -10.89
C ASP A 207 -4.03 -5.06 -11.87
N ARG A 208 -5.35 -5.28 -11.76
N ARG A 208 -5.32 -5.35 -11.75
N ARG A 208 -5.33 -5.32 -11.74
CA ARG A 208 -6.04 -6.31 -12.53
CA ARG A 208 -5.92 -6.36 -12.60
CA ARG A 208 -5.96 -6.36 -12.56
C ARG A 208 -6.22 -5.94 -13.99
C ARG A 208 -5.80 -5.98 -14.07
C ARG A 208 -5.92 -5.99 -14.05
N SER A 209 -5.96 -4.69 -14.37
CA SER A 209 -6.01 -4.27 -15.76
C SER A 209 -4.67 -4.38 -16.45
N LEU A 210 -3.57 -4.13 -15.72
CA LEU A 210 -2.23 -4.22 -16.28
C LEU A 210 -1.53 -5.53 -15.96
N LEU A 211 -2.07 -6.31 -15.02
CA LEU A 211 -1.47 -7.58 -14.57
C LEU A 211 -0.04 -7.37 -14.09
N VAL A 212 0.19 -6.29 -13.33
CA VAL A 212 1.44 -6.09 -12.62
C VAL A 212 1.11 -5.56 -11.23
N CYS A 213 2.04 -5.76 -10.31
CA CYS A 213 1.98 -5.11 -9.01
C CYS A 213 2.43 -3.67 -9.16
N ASP A 214 1.62 -2.72 -8.69
CA ASP A 214 2.04 -1.32 -8.76
C ASP A 214 1.53 -0.57 -7.54
N GLY A 215 1.56 0.75 -7.62
CA GLY A 215 1.23 1.54 -6.45
C GLY A 215 -0.20 1.98 -6.35
N ASN A 216 -1.10 1.45 -7.18
CA ASN A 216 -2.46 1.98 -7.21
CA ASN A 216 -2.46 1.96 -7.23
C ASN A 216 -3.37 1.21 -6.25
N ARG A 217 -2.98 1.21 -4.96
CA ARG A 217 -3.79 0.59 -3.92
C ARG A 217 -5.23 1.07 -3.95
N TYR A 218 -5.42 2.37 -4.19
CA TYR A 218 -6.76 2.93 -4.22
C TYR A 218 -7.64 2.23 -5.25
N GLN A 219 -7.12 2.05 -6.46
CA GLN A 219 -7.86 1.37 -7.51
C GLN A 219 -7.93 -0.13 -7.24
N ASN A 220 -6.79 -0.71 -6.85
CA ASN A 220 -6.62 -2.15 -6.78
C ASN A 220 -7.33 -2.76 -5.57
N CYS A 221 -7.42 -2.02 -4.48
CA CYS A 221 -7.93 -2.55 -3.24
C CYS A 221 -9.19 -1.82 -2.81
N GLY A 222 -10.01 -1.43 -3.79
CA GLY A 222 -11.36 -1.00 -3.51
C GLY A 222 -11.51 0.29 -2.73
N GLY A 223 -10.55 1.23 -2.85
CA GLY A 223 -10.73 2.51 -2.17
C GLY A 223 -11.82 3.35 -2.80
N ASN A 224 -12.01 3.22 -4.11
CA ASN A 224 -13.07 3.93 -4.82
C ASN A 224 -14.43 3.73 -4.18
N VAL A 225 -14.72 2.52 -3.69
CA VAL A 225 -16.05 2.30 -3.10
C VAL A 225 -16.14 2.96 -1.73
N LEU A 226 -15.02 3.13 -1.03
CA LEU A 226 -15.07 3.78 0.28
C LEU A 226 -15.42 5.26 0.18
N VAL A 227 -15.12 5.92 -0.93
CA VAL A 227 -15.30 7.39 -1.05
C VAL A 227 -16.61 7.73 -1.76
#